data_4FML
#
_entry.id   4FML
#
_cell.length_a   91.100
_cell.length_b   91.100
_cell.length_c   303.370
_cell.angle_alpha   90.00
_cell.angle_beta   90.00
_cell.angle_gamma   120.00
#
_symmetry.space_group_name_H-M   'P 65 2 2'
#
loop_
_entity.id
_entity.type
_entity.pdbx_description
1 polymer VsdC
2 water water
#
_entity_poly.entity_id   1
_entity_poly.type   'polypeptide(L)'
_entity_poly.pdbx_seq_one_letter_code
;MGSSHHHHHHSSGENLYFQGSHMISKADEALRYYSAQGYTLLNNYLRDRPYKQREAIDTLLSRSYLNDEPTSAGEFDKAM
KAYVADVEAGLAKLPASPELSFVYRGLALDKPELAALKEQFTGVGNIVVEPGFMSTSPDKAWVNDTLLKIRLPAGHGGRL
LGDAAHFKGEAEMLFPTQTRLRVDRVVSSTSGDFDTLLNTIPTSDNASDNRNRIKRLIEVSVL
;
_entity_poly.pdbx_strand_id   A,B,C
#
# COMPACT_ATOMS: atom_id res chain seq x y z
N GLY A 20 10.61 -19.71 16.90
CA GLY A 20 9.67 -20.36 16.01
C GLY A 20 10.36 -21.35 15.09
N SER A 21 9.54 -22.11 14.36
CA SER A 21 10.08 -23.08 13.42
C SER A 21 10.91 -22.34 12.35
N HIS A 22 10.38 -21.24 11.82
CA HIS A 22 11.06 -20.41 10.83
C HIS A 22 11.47 -19.05 11.41
N MET A 23 12.47 -18.46 10.78
CA MET A 23 12.99 -17.18 11.14
C MET A 23 12.26 -16.14 10.26
N ILE A 24 11.98 -14.99 10.82
CA ILE A 24 11.49 -13.89 10.03
C ILE A 24 12.61 -13.32 9.12
N SER A 25 12.29 -13.17 7.83
CA SER A 25 13.31 -12.78 6.84
C SER A 25 13.80 -11.36 7.10
N LYS A 26 14.98 -11.06 6.62
CA LYS A 26 15.55 -9.74 6.84
C LYS A 26 14.65 -8.66 6.19
N ALA A 27 14.07 -8.98 5.04
CA ALA A 27 13.29 -7.97 4.30
C ALA A 27 11.95 -7.75 5.01
N ASP A 28 11.29 -8.83 5.48
CA ASP A 28 10.06 -8.59 6.31
C ASP A 28 10.44 -7.86 7.59
N GLU A 29 11.56 -8.26 8.22
CA GLU A 29 11.94 -7.60 9.44
C GLU A 29 12.31 -6.13 9.15
N ALA A 30 12.85 -5.84 7.96
CA ALA A 30 13.25 -4.44 7.66
C ALA A 30 12.01 -3.61 7.50
N LEU A 31 10.97 -4.21 6.95
CA LEU A 31 9.75 -3.39 6.74
C LEU A 31 9.19 -3.07 8.12
N ARG A 32 9.18 -4.09 8.99
CA ARG A 32 8.60 -3.98 10.33
C ARG A 32 9.35 -2.93 11.10
N TYR A 33 10.66 -2.97 11.02
CA TYR A 33 11.46 -1.94 11.67
C TYR A 33 11.20 -0.53 11.09
N TYR A 34 11.28 -0.41 9.77
CA TYR A 34 10.96 0.84 9.07
C TYR A 34 9.63 1.45 9.55
N SER A 35 8.60 0.62 9.65
CA SER A 35 7.24 1.10 9.90
C SER A 35 7.09 1.60 11.34
N ALA A 36 7.99 1.18 12.22
CA ALA A 36 7.86 1.48 13.63
C ALA A 36 8.84 2.53 14.16
N GLN A 37 9.96 2.72 13.48
CA GLN A 37 11.01 3.58 14.05
C GLN A 37 11.88 4.25 13.00
N GLY A 38 12.12 3.54 11.91
CA GLY A 38 13.13 3.95 10.95
C GLY A 38 12.67 4.96 9.93
N TYR A 39 11.35 5.08 9.72
CA TYR A 39 10.88 5.77 8.52
C TYR A 39 11.38 7.23 8.41
N THR A 40 11.51 7.93 9.52
CA THR A 40 11.94 9.32 9.47
C THR A 40 13.32 9.53 8.95
N LEU A 41 14.28 8.88 9.58
CA LEU A 41 15.63 8.92 9.11
C LEU A 41 15.78 8.59 7.65
N LEU A 42 15.25 7.43 7.27
CA LEU A 42 15.45 6.88 5.93
C LEU A 42 14.90 7.81 4.88
N ASN A 43 13.74 8.38 5.13
CA ASN A 43 13.12 9.28 4.17
C ASN A 43 13.86 10.61 4.06
N ASN A 44 14.37 11.09 5.18
CA ASN A 44 15.27 12.24 5.17
C ASN A 44 16.42 12.03 4.20
N TYR A 45 17.13 10.91 4.32
CA TYR A 45 18.23 10.58 3.44
C TYR A 45 17.79 10.49 1.97
N LEU A 46 16.70 9.80 1.73
CA LEU A 46 16.21 9.70 0.38
C LEU A 46 15.83 11.03 -0.23
N ARG A 47 15.25 11.90 0.56
CA ARG A 47 14.71 13.16 0.06
C ARG A 47 15.73 14.30 0.07
N ASP A 48 17.00 13.95 0.25
CA ASP A 48 18.09 14.93 0.24
C ASP A 48 17.90 16.02 1.30
N ARG A 49 17.21 15.67 2.39
CA ARG A 49 16.98 16.60 3.48
C ARG A 49 18.06 16.34 4.51
N PRO A 50 18.22 17.27 5.45
CA PRO A 50 19.21 17.11 6.51
C PRO A 50 18.92 15.91 7.40
N TYR A 51 19.96 15.28 7.93
CA TYR A 51 19.80 14.14 8.83
C TYR A 51 21.15 13.88 9.47
N LYS A 52 21.15 13.32 10.67
CA LYS A 52 22.40 13.07 11.38
C LYS A 52 22.96 11.69 11.04
N GLN A 53 24.13 11.66 10.41
CA GLN A 53 24.74 10.39 10.05
C GLN A 53 24.97 9.45 11.24
N ARG A 54 25.09 10.00 12.41
CA ARG A 54 25.38 9.13 13.55
C ARG A 54 24.28 8.08 13.78
N GLU A 55 23.02 8.50 13.84
CA GLU A 55 21.94 7.53 14.03
C GLU A 55 21.77 6.65 12.80
N ALA A 56 22.08 7.21 11.64
CA ALA A 56 22.06 6.42 10.42
C ALA A 56 23.12 5.32 10.45
N ILE A 57 24.37 5.70 10.63
CA ILE A 57 25.46 4.75 10.64
C ILE A 57 25.20 3.67 11.68
N ASP A 58 24.74 4.07 12.86
CA ASP A 58 24.36 3.12 13.90
C ASP A 58 23.33 2.14 13.35
N THR A 59 22.32 2.66 12.65
CA THR A 59 21.28 1.83 12.05
C THR A 59 21.89 0.81 11.08
N LEU A 60 22.76 1.29 10.20
CA LEU A 60 23.43 0.42 9.23
C LEU A 60 24.34 -0.58 9.94
N LEU A 61 24.83 -0.19 11.11
CA LEU A 61 25.70 -1.01 11.92
C LEU A 61 24.94 -2.07 12.63
N SER A 62 23.83 -1.72 13.23
CA SER A 62 23.11 -2.70 14.03
C SER A 62 22.26 -3.58 13.14
N ARG A 63 22.02 -3.16 11.91
CA ARG A 63 21.20 -3.98 11.02
C ARG A 63 22.06 -4.70 9.95
N SER A 64 23.36 -4.77 10.19
CA SER A 64 24.26 -5.57 9.38
C SER A 64 24.37 -5.14 7.91
N TYR A 65 24.17 -3.86 7.60
CA TYR A 65 24.49 -3.36 6.25
C TYR A 65 25.94 -2.86 6.19
N LEU A 66 26.49 -2.52 7.35
CA LEU A 66 27.93 -2.26 7.46
C LEU A 66 28.41 -3.07 8.64
N ASN A 67 29.57 -3.70 8.50
CA ASN A 67 30.21 -4.41 9.59
C ASN A 67 31.13 -3.46 10.34
N ASP A 68 31.57 -2.42 9.63
CA ASP A 68 32.43 -1.39 10.23
C ASP A 68 32.18 -0.02 9.60
N GLU A 69 32.55 1.04 10.32
CA GLU A 69 32.31 2.41 9.87
C GLU A 69 32.77 2.62 8.42
N PRO A 70 31.93 3.28 7.62
CA PRO A 70 32.20 3.46 6.19
C PRO A 70 33.49 4.23 5.93
N THR A 71 34.17 3.91 4.82
CA THR A 71 35.38 4.55 4.51
C THR A 71 35.28 5.39 3.25
N SER A 72 34.10 5.48 2.67
CA SER A 72 33.85 6.30 1.48
C SER A 72 32.44 6.81 1.47
N ALA A 73 32.15 7.66 0.52
CA ALA A 73 30.80 8.18 0.34
C ALA A 73 29.94 7.15 -0.38
N GLY A 74 30.57 6.40 -1.29
CA GLY A 74 29.88 5.35 -2.02
C GLY A 74 29.63 4.12 -1.18
N GLU A 75 30.43 3.96 -0.12
CA GLU A 75 30.31 2.81 0.76
C GLU A 75 29.13 3.04 1.65
N PHE A 76 28.93 4.26 2.08
CA PHE A 76 27.79 4.51 2.94
C PHE A 76 26.50 4.54 2.14
N ASP A 77 26.54 5.12 0.97
CA ASP A 77 25.37 5.17 0.14
C ASP A 77 25.02 3.80 -0.34
N LYS A 78 26.00 2.95 -0.53
CA LYS A 78 25.74 1.59 -1.03
C LYS A 78 24.95 0.78 -0.01
N ALA A 79 25.24 1.02 1.27
CA ALA A 79 24.60 0.37 2.35
C ALA A 79 23.21 0.88 2.61
N MET A 80 23.04 2.17 2.52
CA MET A 80 21.69 2.77 2.57
C MET A 80 20.78 2.13 1.53
N LYS A 81 21.29 1.98 0.31
CA LYS A 81 20.53 1.38 -0.78
C LYS A 81 20.11 -0.06 -0.48
N ALA A 82 20.98 -0.82 0.15
CA ALA A 82 20.68 -2.21 0.47
C ALA A 82 19.54 -2.21 1.47
N TYR A 83 19.61 -1.24 2.39
CA TYR A 83 18.62 -1.08 3.45
C TYR A 83 17.28 -0.73 2.79
N VAL A 84 17.30 0.25 1.90
CA VAL A 84 16.07 0.59 1.13
C VAL A 84 15.54 -0.64 0.39
N ALA A 85 16.45 -1.39 -0.25
CA ALA A 85 16.02 -2.53 -1.06
C ALA A 85 15.32 -3.59 -0.18
N ASP A 86 15.82 -3.83 1.04
CA ASP A 86 15.14 -4.78 1.94
C ASP A 86 13.75 -4.27 2.32
N VAL A 87 13.62 -2.97 2.64
CA VAL A 87 12.29 -2.48 3.04
C VAL A 87 11.33 -2.65 1.89
N GLU A 88 11.78 -2.32 0.68
CA GLU A 88 10.89 -2.48 -0.47
C GLU A 88 10.53 -3.95 -0.78
N ALA A 89 11.49 -4.86 -0.59
CA ALA A 89 11.16 -6.23 -0.84
C ALA A 89 10.12 -6.70 0.22
N GLY A 90 10.21 -6.19 1.44
CA GLY A 90 9.27 -6.68 2.46
C GLY A 90 7.89 -6.07 2.13
N LEU A 91 7.92 -4.85 1.66
CA LEU A 91 6.66 -4.16 1.25
C LEU A 91 5.99 -4.91 0.10
N ALA A 92 6.77 -5.23 -0.95
CA ALA A 92 6.18 -5.86 -2.15
C ALA A 92 5.51 -7.18 -1.81
N LYS A 93 6.04 -7.89 -0.83
CA LYS A 93 5.50 -9.21 -0.49
C LYS A 93 4.14 -9.11 0.22
N LEU A 94 3.79 -7.95 0.75
CA LEU A 94 2.45 -7.83 1.40
C LEU A 94 1.39 -8.11 0.32
N PRO A 95 0.22 -8.56 0.71
CA PRO A 95 -0.83 -8.78 -0.26
C PRO A 95 -1.29 -7.49 -0.95
N ALA A 96 -1.57 -7.57 -2.23
CA ALA A 96 -1.97 -6.40 -3.04
C ALA A 96 -3.46 -6.12 -2.83
N SER A 97 -3.92 -4.94 -3.21
CA SER A 97 -5.30 -4.58 -3.06
C SER A 97 -5.82 -4.13 -4.45
N PRO A 98 -6.03 -5.08 -5.33
CA PRO A 98 -6.49 -4.71 -6.69
C PRO A 98 -7.90 -4.10 -6.72
N GLU A 99 -8.70 -4.29 -5.66
CA GLU A 99 -10.02 -3.68 -5.62
C GLU A 99 -9.94 -2.14 -5.56
N LEU A 100 -8.81 -1.60 -5.12
CA LEU A 100 -8.74 -0.13 -4.96
C LEU A 100 -8.51 0.56 -6.30
N SER A 101 -9.14 1.72 -6.46
CA SER A 101 -8.85 2.51 -7.65
C SER A 101 -8.25 3.88 -7.37
N PHE A 102 -8.54 4.51 -6.24
CA PHE A 102 -7.94 5.77 -5.88
C PHE A 102 -7.38 5.73 -4.45
N VAL A 103 -6.33 6.50 -4.22
CA VAL A 103 -5.83 6.83 -2.88
C VAL A 103 -5.66 8.33 -2.80
N TYR A 104 -5.43 8.87 -1.61
CA TYR A 104 -5.53 10.32 -1.41
C TYR A 104 -4.39 10.79 -0.54
N ARG A 105 -4.02 12.05 -0.69
CA ARG A 105 -3.01 12.60 0.22
CA ARG A 105 -2.94 12.59 0.16
C ARG A 105 -3.24 14.09 0.26
N GLY A 106 -3.03 14.70 1.42
CA GLY A 106 -3.15 16.14 1.60
C GLY A 106 -1.75 16.63 1.74
N LEU A 107 -1.46 17.83 1.23
CA LEU A 107 -0.14 18.36 1.47
C LEU A 107 -0.12 19.87 1.31
N ALA A 108 0.96 20.48 1.78
CA ALA A 108 1.07 21.90 1.84
C ALA A 108 2.04 22.39 0.73
N LEU A 109 1.49 22.67 -0.44
CA LEU A 109 2.29 23.17 -1.55
C LEU A 109 2.53 24.69 -1.50
N ASP A 110 1.78 25.39 -0.66
CA ASP A 110 1.89 26.83 -0.58
C ASP A 110 2.95 27.29 0.43
N LYS A 111 3.82 26.42 0.90
CA LYS A 111 4.98 26.87 1.69
C LYS A 111 6.00 27.38 0.70
N PRO A 112 6.50 28.60 0.93
CA PRO A 112 7.39 29.29 -0.02
C PRO A 112 8.63 28.48 -0.45
N GLU A 113 9.06 27.54 0.35
CA GLU A 113 10.21 26.75 -0.01
C GLU A 113 9.87 25.57 -0.88
N LEU A 114 8.62 25.48 -1.28
CA LEU A 114 8.20 24.40 -2.15
C LEU A 114 7.66 24.96 -3.46
N ALA A 115 8.10 26.16 -3.84
CA ALA A 115 7.55 26.71 -5.04
C ALA A 115 7.85 25.88 -6.26
N ALA A 116 9.01 25.28 -6.30
CA ALA A 116 9.35 24.43 -7.45
C ALA A 116 8.51 23.16 -7.50
N LEU A 117 8.31 22.55 -6.33
CA LEU A 117 7.43 21.40 -6.20
C LEU A 117 6.02 21.83 -6.60
N LYS A 118 5.55 22.97 -6.10
CA LYS A 118 4.22 23.45 -6.47
C LYS A 118 4.09 23.62 -7.98
N GLU A 119 5.11 24.21 -8.59
CA GLU A 119 5.17 24.43 -10.02
C GLU A 119 5.04 23.12 -10.80
N GLN A 120 5.76 22.07 -10.40
CA GLN A 120 5.65 20.78 -11.06
C GLN A 120 4.24 20.23 -10.90
N PHE A 121 3.66 20.33 -9.70
CA PHE A 121 2.38 19.62 -9.45
C PHE A 121 1.20 20.28 -10.11
N THR A 122 1.35 21.55 -10.48
CA THR A 122 0.24 22.29 -11.03
C THR A 122 0.29 22.43 -12.58
N GLY A 123 1.24 21.74 -13.22
CA GLY A 123 1.31 21.69 -14.69
C GLY A 123 0.80 20.36 -15.24
N VAL A 124 -0.33 20.41 -15.94
CA VAL A 124 -0.88 19.18 -16.52
C VAL A 124 0.18 18.49 -17.37
N GLY A 125 0.37 17.18 -17.19
CA GLY A 125 1.30 16.44 -18.02
C GLY A 125 2.65 16.25 -17.37
N ASN A 126 2.95 17.09 -16.39
CA ASN A 126 4.19 16.95 -15.64
C ASN A 126 4.22 15.65 -14.84
N ILE A 127 5.40 15.07 -14.71
CA ILE A 127 5.61 13.90 -13.90
C ILE A 127 6.42 14.26 -12.65
N VAL A 128 5.88 13.97 -11.48
CA VAL A 128 6.55 14.27 -10.23
C VAL A 128 7.12 12.93 -9.69
N VAL A 129 8.40 12.91 -9.35
CA VAL A 129 9.05 11.67 -8.89
C VAL A 129 9.26 11.83 -7.43
N GLU A 130 8.77 10.89 -6.64
CA GLU A 130 8.99 10.98 -5.19
C GLU A 130 10.21 10.08 -4.80
N PRO A 131 11.26 10.69 -4.21
CA PRO A 131 12.45 9.87 -3.93
C PRO A 131 12.31 9.01 -2.68
N GLY A 132 11.51 9.47 -1.73
CA GLY A 132 11.18 8.69 -0.56
C GLY A 132 10.13 7.61 -0.82
N PHE A 133 9.69 6.94 0.23
CA PHE A 133 8.55 6.05 0.14
C PHE A 133 7.35 7.02 0.17
N MET A 134 6.33 6.75 -0.59
CA MET A 134 5.19 7.68 -0.62
C MET A 134 4.04 7.08 0.19
N SER A 135 3.51 7.86 1.10
CA SER A 135 2.44 7.41 1.96
C SER A 135 1.12 8.01 1.48
N THR A 136 0.06 7.21 1.50
CA THR A 136 -1.23 7.72 1.03
C THR A 136 -2.27 6.96 1.86
N SER A 137 -3.53 7.31 1.66
CA SER A 137 -4.64 6.59 2.27
C SER A 137 -5.73 6.35 1.26
N PRO A 138 -6.29 5.15 1.27
CA PRO A 138 -7.48 4.84 0.50
C PRO A 138 -8.75 5.33 1.17
N ASP A 139 -8.67 5.97 2.34
CA ASP A 139 -9.88 6.35 3.05
C ASP A 139 -10.05 7.81 3.44
N LYS A 140 -9.00 8.63 3.38
CA LYS A 140 -9.11 9.96 3.90
C LYS A 140 -7.98 10.81 3.46
N ALA A 141 -8.28 12.08 3.18
CA ALA A 141 -7.23 13.04 2.85
C ALA A 141 -7.32 14.14 3.88
N TRP A 142 -6.26 14.39 4.64
CA TRP A 142 -6.33 15.42 5.69
C TRP A 142 -6.32 16.81 5.01
N VAL A 143 -7.29 17.62 5.38
CA VAL A 143 -7.47 18.93 4.76
C VAL A 143 -6.13 19.67 4.78
N ASN A 144 -5.76 20.25 3.64
CA ASN A 144 -4.49 20.96 3.49
C ASN A 144 -4.68 21.94 2.33
N ASP A 145 -3.65 22.69 1.96
CA ASP A 145 -3.89 23.66 0.87
C ASP A 145 -4.04 22.90 -0.45
N THR A 146 -3.53 21.66 -0.52
CA THR A 146 -3.68 20.86 -1.78
C THR A 146 -4.13 19.47 -1.44
N LEU A 147 -5.12 18.92 -2.15
CA LEU A 147 -5.43 17.50 -2.01
C LEU A 147 -5.12 16.80 -3.34
N LEU A 148 -4.51 15.62 -3.25
CA LEU A 148 -4.23 14.78 -4.40
C LEU A 148 -5.22 13.61 -4.43
N LYS A 149 -5.84 13.37 -5.59
CA LYS A 149 -6.66 12.19 -5.78
C LYS A 149 -5.83 11.34 -6.78
N ILE A 150 -5.38 10.20 -6.32
CA ILE A 150 -4.30 9.44 -7.02
C ILE A 150 -4.90 8.21 -7.64
N ARG A 151 -4.95 8.21 -8.97
CA ARG A 151 -5.54 7.07 -9.67
C ARG A 151 -4.53 5.93 -9.90
N LEU A 152 -4.94 4.70 -9.67
CA LEU A 152 -3.99 3.60 -9.60
C LEU A 152 -4.13 2.73 -10.87
N PRO A 153 -3.01 2.27 -11.41
CA PRO A 153 -3.07 1.34 -12.55
C PRO A 153 -2.99 -0.05 -11.99
N ALA A 154 -3.32 -1.04 -12.81
CA ALA A 154 -3.24 -2.45 -12.44
C ALA A 154 -1.80 -2.80 -12.03
N GLY A 155 -1.62 -3.62 -11.00
CA GLY A 155 -0.28 -4.13 -10.72
C GLY A 155 0.71 -3.14 -10.06
N HIS A 156 0.24 -1.99 -9.59
CA HIS A 156 1.13 -0.99 -8.98
C HIS A 156 1.73 -1.58 -7.65
N GLY A 157 2.73 -0.87 -7.11
CA GLY A 157 3.59 -1.35 -5.99
C GLY A 157 3.04 -0.87 -4.59
N GLY A 158 1.91 -0.17 -4.54
CA GLY A 158 1.33 0.33 -3.29
C GLY A 158 0.80 -0.86 -2.49
N ARG A 159 0.99 -0.87 -1.17
CA ARG A 159 0.44 -1.92 -0.32
C ARG A 159 -0.10 -1.38 1.00
N LEU A 160 -1.29 -1.86 1.38
CA LEU A 160 -1.86 -1.56 2.69
C LEU A 160 -0.97 -2.17 3.80
N LEU A 161 -0.65 -1.34 4.79
CA LEU A 161 0.18 -1.80 5.93
C LEU A 161 -0.72 -2.30 7.10
N GLY A 162 -0.13 -2.97 8.07
CA GLY A 162 -0.91 -3.48 9.19
C GLY A 162 -1.23 -2.33 10.16
N ASP A 163 -2.03 -2.60 11.19
CA ASP A 163 -2.31 -1.58 12.22
C ASP A 163 -1.00 -1.04 12.81
N ALA A 164 -1.01 0.22 13.22
CA ALA A 164 0.18 0.88 13.78
C ALA A 164 -0.09 1.24 15.27
N ALA A 165 0.99 1.51 15.99
CA ALA A 165 0.87 1.91 17.39
C ALA A 165 0.61 3.42 17.50
N HIS A 166 0.91 4.20 16.45
CA HIS A 166 0.98 5.68 16.58
C HIS A 166 -0.21 6.45 15.95
N PHE A 167 -1.10 5.77 15.23
CA PHE A 167 -2.32 6.44 14.72
C PHE A 167 -3.39 5.39 14.46
N LYS A 168 -4.58 5.84 14.06
CA LYS A 168 -5.71 4.92 13.76
C LYS A 168 -6.74 5.76 13.01
N GLY A 169 -7.83 5.13 12.57
CA GLY A 169 -8.91 5.88 11.95
C GLY A 169 -8.81 5.90 10.43
N GLU A 170 -7.73 5.32 9.87
CA GLU A 170 -7.59 5.30 8.38
C GLU A 170 -6.52 4.28 7.98
N ALA A 171 -6.69 3.70 6.83
CA ALA A 171 -5.67 2.78 6.31
C ALA A 171 -4.51 3.57 5.73
N GLU A 172 -3.35 2.93 5.60
CA GLU A 172 -2.22 3.60 4.99
C GLU A 172 -1.74 2.71 3.84
N MET A 173 -1.68 3.25 2.62
CA MET A 173 -1.06 2.50 1.54
C MET A 173 0.29 3.13 1.25
N LEU A 174 1.34 2.32 1.37
CA LEU A 174 2.68 2.81 1.20
C LEU A 174 3.18 2.34 -0.19
N PHE A 175 3.84 3.23 -0.90
CA PHE A 175 4.50 2.91 -2.16
C PHE A 175 6.04 2.86 -2.02
N PRO A 176 6.72 2.03 -2.85
CA PRO A 176 8.19 1.99 -2.81
C PRO A 176 8.74 3.32 -3.32
N THR A 177 10.07 3.49 -3.25
CA THR A 177 10.73 4.72 -3.64
C THR A 177 10.68 4.93 -5.11
N GLN A 178 10.81 6.19 -5.54
CA GLN A 178 10.84 6.50 -6.96
C GLN A 178 9.48 6.34 -7.63
N THR A 179 8.40 6.29 -6.85
CA THR A 179 7.08 6.27 -7.45
C THR A 179 6.89 7.57 -8.25
N ARG A 180 6.29 7.46 -9.41
CA ARG A 180 6.05 8.56 -10.31
C ARG A 180 4.56 8.88 -10.49
N LEU A 181 4.20 10.16 -10.45
CA LEU A 181 2.83 10.63 -10.56
C LEU A 181 2.72 11.57 -11.77
N ARG A 182 1.84 11.27 -12.71
CA ARG A 182 1.56 12.19 -13.80
C ARG A 182 0.37 13.09 -13.46
N VAL A 183 0.55 14.41 -13.59
CA VAL A 183 -0.55 15.37 -13.34
C VAL A 183 -1.59 15.27 -14.44
N ASP A 184 -2.80 14.88 -14.08
CA ASP A 184 -3.91 14.76 -15.00
C ASP A 184 -4.78 16.01 -15.07
N ARG A 185 -5.11 16.55 -13.92
CA ARG A 185 -5.79 17.82 -13.89
C ARG A 185 -5.69 18.59 -12.61
N VAL A 186 -5.77 19.90 -12.75
CA VAL A 186 -5.58 20.85 -11.65
C VAL A 186 -6.88 21.67 -11.50
N VAL A 187 -7.52 21.60 -10.34
CA VAL A 187 -8.82 22.28 -10.18
C VAL A 187 -8.70 23.17 -8.97
N SER A 188 -8.67 24.47 -9.19
CA SER A 188 -8.48 25.38 -8.06
C SER A 188 -9.83 25.64 -7.37
N SER A 189 -9.76 26.17 -6.15
CA SER A 189 -10.94 26.48 -5.36
C SER A 189 -11.89 27.45 -6.06
N THR A 190 -11.37 28.25 -6.99
CA THR A 190 -12.25 29.19 -7.71
C THR A 190 -12.93 28.58 -8.95
N SER A 191 -12.54 27.36 -9.29
CA SER A 191 -13.08 26.72 -10.50
C SER A 191 -14.51 26.20 -10.32
N GLY A 192 -15.29 26.20 -11.40
CA GLY A 192 -16.65 25.69 -11.36
C GLY A 192 -16.69 24.17 -11.17
N ASP A 193 -15.55 23.51 -11.37
CA ASP A 193 -15.45 22.07 -11.21
C ASP A 193 -15.07 21.64 -9.77
N PHE A 194 -14.73 22.60 -8.93
CA PHE A 194 -14.07 22.28 -7.66
C PHE A 194 -14.94 21.44 -6.75
N ASP A 195 -16.17 21.89 -6.51
CA ASP A 195 -17.00 21.16 -5.56
C ASP A 195 -17.34 19.75 -6.04
N THR A 196 -17.56 19.64 -7.34
CA THR A 196 -17.82 18.35 -7.97
C THR A 196 -16.64 17.35 -7.67
N LEU A 197 -15.41 17.75 -7.96
CA LEU A 197 -14.27 16.86 -7.63
C LEU A 197 -14.15 16.67 -6.07
N LEU A 198 -14.38 17.74 -5.29
CA LEU A 198 -14.22 17.65 -3.84
C LEU A 198 -15.22 16.63 -3.23
N ASN A 199 -16.43 16.58 -3.77
CA ASN A 199 -17.41 15.59 -3.34
C ASN A 199 -17.08 14.12 -3.72
N THR A 200 -16.00 13.90 -4.45
CA THR A 200 -15.51 12.53 -4.60
C THR A 200 -14.16 12.25 -3.83
N ILE A 201 -13.76 13.12 -2.90
CA ILE A 201 -12.48 12.92 -2.14
C ILE A 201 -12.90 12.88 -0.66
N PRO A 202 -12.66 11.77 0.07
CA PRO A 202 -13.07 11.80 1.50
C PRO A 202 -12.06 12.69 2.24
N THR A 203 -12.49 13.76 2.91
CA THR A 203 -11.52 14.57 3.71
C THR A 203 -11.67 14.33 5.20
N SER A 204 -10.62 14.69 5.95
CA SER A 204 -10.69 14.79 7.40
C SER A 204 -11.68 16.00 7.56
N ASP A 205 -12.08 16.30 8.76
CA ASP A 205 -13.11 17.31 8.94
C ASP A 205 -12.73 18.69 8.45
N ASN A 206 -13.57 19.22 7.55
CA ASN A 206 -13.39 20.57 7.03
C ASN A 206 -14.56 21.47 7.42
N ALA A 207 -15.01 21.30 8.65
CA ALA A 207 -16.12 22.07 9.21
C ALA A 207 -15.63 23.12 10.20
N SER A 208 -14.47 23.64 10.03
CA SER A 208 -13.95 24.62 11.02
C SER A 208 -14.43 26.00 10.59
N ASP A 209 -14.13 27.01 11.41
CA ASP A 209 -14.46 28.39 11.09
C ASP A 209 -13.76 28.89 9.83
N ASN A 210 -12.60 28.33 9.51
CA ASN A 210 -11.84 28.77 8.34
C ASN A 210 -12.31 27.97 7.13
N ARG A 211 -13.08 28.61 6.26
CA ARG A 211 -13.73 27.89 5.18
C ARG A 211 -12.88 27.78 3.91
N ASN A 212 -11.69 28.32 3.90
CA ASN A 212 -10.94 28.31 2.69
C ASN A 212 -9.60 27.65 2.71
N ARG A 213 -9.45 26.61 3.49
CA ARG A 213 -8.16 25.97 3.69
C ARG A 213 -7.71 25.31 2.37
N ILE A 214 -8.64 24.76 1.64
CA ILE A 214 -8.25 23.96 0.44
C ILE A 214 -8.12 24.89 -0.79
N LYS A 215 -6.93 25.04 -1.35
CA LYS A 215 -6.73 25.97 -2.47
C LYS A 215 -6.87 25.23 -3.82
N ARG A 216 -6.55 23.94 -3.84
CA ARG A 216 -6.65 23.20 -5.11
C ARG A 216 -6.73 21.69 -4.87
N LEU A 217 -7.30 21.02 -5.86
CA LEU A 217 -7.42 19.57 -5.92
C LEU A 217 -6.65 19.16 -7.19
N ILE A 218 -5.82 18.12 -7.10
CA ILE A 218 -5.04 17.74 -8.26
C ILE A 218 -5.27 16.27 -8.45
N GLU A 219 -5.77 15.91 -9.64
CA GLU A 219 -5.83 14.50 -9.99
C GLU A 219 -4.53 14.08 -10.64
N VAL A 220 -3.95 12.99 -10.14
CA VAL A 220 -2.74 12.47 -10.74
C VAL A 220 -2.89 10.95 -10.89
N SER A 221 -1.99 10.33 -11.66
CA SER A 221 -1.97 8.88 -11.88
C SER A 221 -0.59 8.34 -11.54
N VAL A 222 -0.56 7.29 -10.74
CA VAL A 222 0.65 6.50 -10.52
C VAL A 222 1.04 5.83 -11.85
N LEU A 223 2.29 5.99 -12.26
CA LEU A 223 2.76 5.36 -13.52
C LEU A 223 3.30 3.97 -13.25
N HIS B 22 50.66 -15.37 9.08
CA HIS B 22 50.11 -14.47 8.07
C HIS B 22 48.62 -14.26 8.27
N MET B 23 48.12 -13.11 7.83
CA MET B 23 46.70 -12.78 7.96
C MET B 23 46.02 -13.01 6.62
N ILE B 24 44.80 -13.52 6.67
CA ILE B 24 44.04 -13.80 5.47
C ILE B 24 42.63 -13.29 5.61
N SER B 25 41.93 -13.16 4.49
CA SER B 25 40.56 -12.71 4.50
C SER B 25 39.69 -13.86 4.96
N LYS B 26 38.97 -13.67 6.04
CA LYS B 26 38.03 -14.66 6.51
C LYS B 26 36.94 -14.90 5.44
N ALA B 27 36.56 -13.81 4.79
CA ALA B 27 35.51 -13.86 3.77
C ALA B 27 35.96 -14.71 2.56
N ASP B 28 37.18 -14.50 2.02
CA ASP B 28 37.62 -15.26 0.82
C ASP B 28 37.70 -16.76 1.20
N GLU B 29 38.23 -17.03 2.39
CA GLU B 29 38.35 -18.43 2.85
C GLU B 29 36.97 -19.07 3.08
N ALA B 30 35.98 -18.29 3.56
CA ALA B 30 34.64 -18.88 3.78
C ALA B 30 34.00 -19.21 2.46
N LEU B 31 34.18 -18.33 1.47
CA LEU B 31 33.56 -18.59 0.15
C LEU B 31 34.24 -19.88 -0.42
N ARG B 32 35.55 -20.02 -0.27
CA ARG B 32 36.24 -21.23 -0.82
C ARG B 32 35.68 -22.50 -0.07
N TYR B 33 35.55 -22.41 1.27
CA TYR B 33 35.10 -23.59 2.02
C TYR B 33 33.66 -23.94 1.58
N TYR B 34 32.84 -22.92 1.48
CA TYR B 34 31.41 -23.10 1.08
C TYR B 34 31.38 -23.80 -0.31
N SER B 35 32.19 -23.28 -1.24
CA SER B 35 32.10 -23.79 -2.63
C SER B 35 32.67 -25.21 -2.76
N ALA B 36 33.69 -25.54 -1.95
CA ALA B 36 34.37 -26.82 -2.02
C ALA B 36 33.56 -27.89 -1.34
N GLN B 37 32.94 -27.56 -0.22
CA GLN B 37 32.28 -28.61 0.57
C GLN B 37 31.17 -28.17 1.53
N GLY B 38 31.15 -26.90 1.95
CA GLY B 38 30.13 -26.53 2.93
C GLY B 38 28.70 -26.31 2.34
N TYR B 39 28.54 -26.26 1.00
CA TYR B 39 27.30 -25.75 0.41
C TYR B 39 26.10 -26.63 0.75
N THR B 40 26.27 -27.96 0.76
CA THR B 40 25.08 -28.82 0.99
C THR B 40 24.46 -28.55 2.36
N LEU B 41 25.30 -28.55 3.37
CA LEU B 41 24.83 -28.33 4.73
C LEU B 41 24.24 -26.93 4.87
N LEU B 42 24.94 -25.93 4.38
CA LEU B 42 24.56 -24.56 4.71
C LEU B 42 23.28 -24.25 3.96
N ASN B 43 23.21 -24.72 2.71
CA ASN B 43 22.00 -24.58 1.90
C ASN B 43 20.79 -25.20 2.59
N ASN B 44 20.94 -26.43 3.09
CA ASN B 44 19.86 -27.11 3.78
C ASN B 44 19.38 -26.32 5.00
N TYR B 45 20.35 -25.82 5.78
CA TYR B 45 20.05 -25.03 6.94
C TYR B 45 19.23 -23.82 6.50
N LEU B 46 19.70 -23.11 5.50
CA LEU B 46 19.04 -21.89 5.09
C LEU B 46 17.65 -22.15 4.53
N ARG B 47 17.48 -23.31 3.95
CA ARG B 47 16.18 -23.62 3.26
C ARG B 47 15.20 -24.26 4.26
N ASP B 48 15.61 -24.37 5.51
CA ASP B 48 14.78 -25.04 6.53
C ASP B 48 14.49 -26.48 6.13
N ARG B 49 15.45 -27.12 5.47
CA ARG B 49 15.39 -28.55 5.19
CA ARG B 49 15.41 -28.55 5.18
C ARG B 49 16.15 -29.32 6.27
N PRO B 50 15.95 -30.64 6.33
CA PRO B 50 16.67 -31.46 7.32
C PRO B 50 18.17 -31.33 7.09
N TYR B 51 18.91 -31.21 8.18
CA TYR B 51 20.39 -31.20 8.09
C TYR B 51 20.89 -31.76 9.41
N LYS B 52 22.12 -32.24 9.49
CA LYS B 52 22.61 -32.80 10.76
C LYS B 52 23.12 -31.67 11.64
N GLN B 53 22.53 -31.49 12.82
CA GLN B 53 22.94 -30.36 13.63
C GLN B 53 24.38 -30.53 14.13
N ARG B 54 24.80 -31.76 14.34
CA ARG B 54 26.16 -32.02 14.83
C ARG B 54 27.17 -31.56 13.74
N GLU B 55 26.86 -31.84 12.48
CA GLU B 55 27.73 -31.43 11.38
C GLU B 55 27.82 -29.87 11.31
N ALA B 56 26.71 -29.18 11.53
CA ALA B 56 26.75 -27.71 11.59
C ALA B 56 27.56 -27.17 12.77
N ILE B 57 27.35 -27.70 13.94
CA ILE B 57 28.09 -27.25 15.10
C ILE B 57 29.57 -27.51 14.90
N ASP B 58 29.89 -28.69 14.40
CA ASP B 58 31.33 -29.04 14.23
C ASP B 58 31.98 -28.10 13.18
N THR B 59 31.21 -27.71 12.16
CA THR B 59 31.73 -26.73 11.18
C THR B 59 32.00 -25.36 11.87
N LEU B 60 31.08 -24.89 12.73
CA LEU B 60 31.26 -23.63 13.43
C LEU B 60 32.49 -23.70 14.37
N LEU B 61 32.59 -24.80 15.13
CA LEU B 61 33.75 -24.89 16.06
C LEU B 61 35.04 -24.95 15.20
N SER B 62 35.09 -25.88 14.24
CA SER B 62 36.38 -26.14 13.50
C SER B 62 36.79 -24.95 12.65
N ARG B 63 35.84 -24.11 12.24
CA ARG B 63 36.10 -22.91 11.46
C ARG B 63 36.10 -21.63 12.30
N SER B 64 36.19 -21.76 13.59
CA SER B 64 36.41 -20.64 14.51
C SER B 64 35.23 -19.64 14.53
N TYR B 65 34.01 -20.14 14.38
CA TYR B 65 32.83 -19.24 14.60
C TYR B 65 32.32 -19.30 16.03
N LEU B 66 32.59 -20.42 16.70
CA LEU B 66 32.26 -20.59 18.14
C LEU B 66 33.49 -21.08 18.87
N ASN B 67 33.58 -20.77 20.15
CA ASN B 67 34.67 -21.27 21.00
C ASN B 67 34.25 -22.47 21.86
N ASP B 68 32.95 -22.76 21.89
CA ASP B 68 32.41 -23.86 22.71
C ASP B 68 31.04 -24.20 22.17
N GLU B 69 30.53 -25.36 22.59
CA GLU B 69 29.19 -25.84 22.17
C GLU B 69 28.20 -24.69 22.42
N PRO B 70 27.36 -24.40 21.47
CA PRO B 70 26.34 -23.36 21.68
C PRO B 70 25.32 -23.87 22.78
N THR B 71 24.82 -22.99 23.60
CA THR B 71 23.86 -23.43 24.66
C THR B 71 22.46 -22.83 24.44
N SER B 72 22.20 -22.30 23.24
CA SER B 72 20.83 -21.82 22.90
C SER B 72 20.71 -21.72 21.41
N ALA B 73 19.47 -21.69 20.91
CA ALA B 73 19.29 -21.54 19.49
C ALA B 73 19.82 -20.16 19.05
N GLY B 74 19.55 -19.09 19.81
CA GLY B 74 20.01 -17.73 19.46
C GLY B 74 21.53 -17.73 19.16
N GLU B 75 22.28 -18.39 20.03
CA GLU B 75 23.75 -18.40 19.86
C GLU B 75 24.18 -19.21 18.63
N PHE B 76 23.57 -20.39 18.45
CA PHE B 76 23.83 -21.21 17.28
C PHE B 76 23.50 -20.41 16.01
N ASP B 77 22.30 -19.81 15.95
CA ASP B 77 21.86 -19.17 14.71
C ASP B 77 22.67 -17.90 14.44
N LYS B 78 23.08 -17.24 15.51
CA LYS B 78 23.88 -16.02 15.29
C LYS B 78 25.25 -16.40 14.65
N ALA B 79 25.80 -17.55 15.06
CA ALA B 79 27.08 -18.00 14.46
C ALA B 79 26.86 -18.46 13.00
N MET B 80 25.80 -19.20 12.75
CA MET B 80 25.48 -19.66 11.40
C MET B 80 25.29 -18.46 10.47
N LYS B 81 24.74 -17.38 11.00
CA LYS B 81 24.53 -16.14 10.29
C LYS B 81 25.82 -15.46 9.96
N ALA B 82 26.71 -15.48 10.90
CA ALA B 82 28.03 -14.89 10.72
C ALA B 82 28.78 -15.64 9.62
N TYR B 83 28.60 -16.95 9.57
CA TYR B 83 29.24 -17.78 8.54
C TYR B 83 28.61 -17.41 7.15
N VAL B 84 27.27 -17.30 7.11
CA VAL B 84 26.64 -16.91 5.85
C VAL B 84 27.19 -15.55 5.41
N ALA B 85 27.36 -14.63 6.35
CA ALA B 85 27.78 -13.24 6.01
C ALA B 85 29.20 -13.28 5.44
N ASP B 86 30.07 -14.16 6.00
CA ASP B 86 31.42 -14.28 5.43
C ASP B 86 31.39 -14.79 3.97
N VAL B 87 30.62 -15.83 3.74
CA VAL B 87 30.49 -16.39 2.37
C VAL B 87 29.98 -15.28 1.41
N GLU B 88 28.95 -14.55 1.80
CA GLU B 88 28.44 -13.45 0.92
C GLU B 88 29.45 -12.33 0.73
N ALA B 89 30.21 -11.98 1.76
CA ALA B 89 31.25 -10.96 1.58
C ALA B 89 32.31 -11.47 0.60
N GLY B 90 32.64 -12.77 0.69
CA GLY B 90 33.68 -13.30 -0.22
C GLY B 90 33.15 -13.30 -1.66
N LEU B 91 31.89 -13.70 -1.80
CA LEU B 91 31.21 -13.68 -3.11
C LEU B 91 31.26 -12.23 -3.71
N ALA B 92 30.93 -11.23 -2.89
CA ALA B 92 30.77 -9.85 -3.37
C ALA B 92 32.08 -9.25 -3.86
N LYS B 93 33.19 -9.80 -3.41
CA LYS B 93 34.49 -9.23 -3.85
C LYS B 93 34.91 -9.83 -5.22
N LEU B 94 34.32 -10.93 -5.65
CA LEU B 94 34.71 -11.46 -6.96
C LEU B 94 34.34 -10.45 -8.10
N PRO B 95 35.12 -10.48 -9.19
CA PRO B 95 34.80 -9.57 -10.30
C PRO B 95 33.47 -9.94 -10.93
N ALA B 96 32.75 -8.90 -11.31
CA ALA B 96 31.44 -9.06 -11.91
C ALA B 96 31.55 -9.48 -13.41
N SER B 97 30.46 -9.98 -13.95
CA SER B 97 30.38 -10.44 -15.35
C SER B 97 29.25 -9.64 -16.07
N PRO B 98 29.47 -8.34 -16.35
CA PRO B 98 28.37 -7.57 -16.98
C PRO B 98 28.08 -8.00 -18.41
N GLU B 99 29.00 -8.70 -19.04
CA GLU B 99 28.76 -9.27 -20.40
C GLU B 99 27.59 -10.26 -20.42
N LEU B 100 27.25 -10.82 -19.27
CA LEU B 100 26.26 -11.90 -19.31
C LEU B 100 24.84 -11.31 -19.22
N SER B 101 23.92 -11.94 -19.93
CA SER B 101 22.53 -11.52 -19.83
C SER B 101 21.60 -12.59 -19.35
N PHE B 102 21.88 -13.87 -19.64
CA PHE B 102 21.07 -14.92 -19.07
C PHE B 102 21.93 -15.95 -18.34
N VAL B 103 21.34 -16.59 -17.33
CA VAL B 103 21.91 -17.86 -16.82
C VAL B 103 20.81 -18.87 -16.75
N TYR B 104 21.15 -20.10 -16.41
CA TYR B 104 20.22 -21.18 -16.63
C TYR B 104 20.23 -22.08 -15.42
N ARG B 105 19.07 -22.66 -15.15
CA ARG B 105 18.91 -23.65 -14.06
CA ARG B 105 19.01 -23.73 -14.14
C ARG B 105 17.93 -24.72 -14.49
N GLY B 106 18.24 -26.00 -14.37
CA GLY B 106 17.22 -27.03 -14.52
C GLY B 106 16.76 -27.44 -13.12
N LEU B 107 15.49 -27.73 -12.97
CA LEU B 107 14.85 -27.97 -11.72
C LEU B 107 13.80 -29.07 -11.85
N ALA B 108 13.59 -29.84 -10.80
CA ALA B 108 12.49 -30.81 -10.79
C ALA B 108 11.31 -30.24 -10.02
N LEU B 109 10.32 -29.74 -10.71
CA LEU B 109 9.18 -29.20 -10.02
C LEU B 109 8.01 -30.15 -9.96
N ASP B 110 8.06 -31.29 -10.62
CA ASP B 110 6.89 -32.18 -10.71
C ASP B 110 6.76 -33.19 -9.57
N LYS B 111 7.76 -33.25 -8.73
CA LYS B 111 7.71 -34.18 -7.64
C LYS B 111 6.92 -33.64 -6.47
N PRO B 112 5.89 -34.40 -6.09
CA PRO B 112 4.88 -34.00 -5.09
C PRO B 112 5.32 -33.11 -3.93
N GLU B 113 6.48 -33.25 -3.35
CA GLU B 113 6.74 -32.44 -2.17
C GLU B 113 6.98 -30.96 -2.46
N LEU B 114 6.84 -30.58 -3.73
CA LEU B 114 7.11 -29.21 -4.15
C LEU B 114 5.92 -28.59 -4.89
N ALA B 115 4.73 -29.07 -4.57
CA ALA B 115 3.50 -28.58 -5.18
C ALA B 115 3.38 -27.07 -5.03
N ALA B 116 3.77 -26.55 -3.87
CA ALA B 116 3.66 -25.11 -3.60
C ALA B 116 4.67 -24.32 -4.43
N LEU B 117 5.90 -24.80 -4.47
CA LEU B 117 6.95 -24.20 -5.23
C LEU B 117 6.51 -24.13 -6.66
N LYS B 118 6.08 -25.28 -7.17
CA LYS B 118 5.59 -25.38 -8.54
C LYS B 118 4.54 -24.32 -8.84
N GLU B 119 3.60 -24.15 -7.91
CA GLU B 119 2.53 -23.17 -8.11
C GLU B 119 3.10 -21.75 -8.15
N GLN B 120 4.08 -21.45 -7.30
CA GLN B 120 4.69 -20.12 -7.35
C GLN B 120 5.40 -19.90 -8.69
N PHE B 121 6.20 -20.89 -9.12
CA PHE B 121 7.02 -20.71 -10.35
C PHE B 121 6.19 -20.59 -11.60
N THR B 122 4.96 -21.12 -11.57
CA THR B 122 4.14 -21.12 -12.77
C THR B 122 3.07 -20.05 -12.76
N GLY B 123 3.08 -19.15 -11.78
CA GLY B 123 2.19 -18.00 -11.88
C GLY B 123 2.96 -16.77 -12.36
N VAL B 124 2.64 -16.26 -13.56
CA VAL B 124 3.31 -15.06 -14.11
C VAL B 124 3.16 -13.90 -13.13
N GLY B 125 4.21 -13.10 -12.91
CA GLY B 125 4.15 -12.02 -11.92
C GLY B 125 4.53 -12.43 -10.46
N ASN B 126 4.51 -13.73 -10.16
CA ASN B 126 4.92 -14.16 -8.82
C ASN B 126 6.41 -13.95 -8.57
N ILE B 127 6.76 -13.64 -7.33
CA ILE B 127 8.15 -13.48 -6.93
C ILE B 127 8.57 -14.66 -6.05
N VAL B 128 9.57 -15.40 -6.53
CA VAL B 128 10.06 -16.59 -5.81
C VAL B 128 11.36 -16.15 -5.13
N VAL B 129 11.50 -16.42 -3.86
CA VAL B 129 12.67 -16.08 -3.08
C VAL B 129 13.53 -17.30 -2.76
N GLU B 130 14.80 -17.25 -3.05
CA GLU B 130 15.67 -18.37 -2.74
C GLU B 130 16.44 -18.07 -1.41
N PRO B 131 16.17 -18.82 -0.33
CA PRO B 131 16.82 -18.41 0.93
C PRO B 131 18.26 -18.92 1.05
N GLY B 132 18.63 -19.97 0.32
CA GLY B 132 20.03 -20.44 0.23
C GLY B 132 20.78 -19.58 -0.79
N PHE B 133 21.96 -20.00 -1.17
CA PHE B 133 22.69 -19.32 -2.23
C PHE B 133 22.34 -19.89 -3.63
N MET B 134 21.70 -19.12 -4.49
CA MET B 134 21.18 -19.76 -5.73
C MET B 134 22.30 -20.10 -6.66
N SER B 135 22.27 -21.31 -7.17
CA SER B 135 23.31 -21.78 -8.05
C SER B 135 22.76 -21.81 -9.53
N THR B 136 23.50 -21.25 -10.48
CA THR B 136 23.08 -21.21 -11.92
C THR B 136 24.26 -21.47 -12.81
N SER B 137 24.01 -21.79 -14.08
CA SER B 137 25.08 -21.93 -15.06
C SER B 137 24.94 -20.84 -16.15
N PRO B 138 26.06 -20.21 -16.50
CA PRO B 138 26.10 -19.31 -17.65
C PRO B 138 26.12 -20.08 -18.98
N ASP B 139 26.25 -21.41 -18.94
CA ASP B 139 26.53 -22.20 -20.17
C ASP B 139 25.37 -23.07 -20.58
N LYS B 140 24.71 -23.75 -19.63
CA LYS B 140 23.67 -24.73 -19.98
C LYS B 140 22.76 -25.08 -18.81
N ALA B 141 21.54 -25.51 -19.09
CA ALA B 141 20.66 -26.09 -18.06
C ALA B 141 20.75 -27.61 -18.12
N TRP B 142 20.88 -28.25 -16.97
CA TRP B 142 20.79 -29.70 -16.91
C TRP B 142 19.33 -30.13 -17.12
N VAL B 143 19.07 -30.85 -18.20
CA VAL B 143 17.73 -31.32 -18.50
C VAL B 143 16.96 -31.77 -17.24
N ASN B 144 15.72 -31.31 -17.14
CA ASN B 144 14.87 -31.63 -16.01
C ASN B 144 13.44 -31.38 -16.43
N ASP B 145 12.47 -31.59 -15.54
CA ASP B 145 11.09 -31.34 -15.98
C ASP B 145 10.86 -29.85 -16.19
N THR B 146 11.63 -29.00 -15.54
CA THR B 146 11.47 -27.53 -15.75
C THR B 146 12.82 -26.92 -16.08
N LEU B 147 12.89 -26.00 -17.07
CA LEU B 147 14.13 -25.22 -17.22
C LEU B 147 13.84 -23.74 -16.97
N LEU B 148 14.74 -23.10 -16.21
CA LEU B 148 14.67 -21.66 -16.00
C LEU B 148 15.66 -20.98 -16.91
N LYS B 149 15.16 -19.97 -17.60
CA LYS B 149 16.03 -19.05 -18.31
C LYS B 149 15.98 -17.71 -17.54
N ILE B 150 17.10 -17.32 -16.95
CA ILE B 150 17.10 -16.30 -15.89
C ILE B 150 17.76 -15.05 -16.49
N ARG B 151 16.96 -14.00 -16.66
CA ARG B 151 17.44 -12.80 -17.22
C ARG B 151 18.04 -11.90 -16.13
N LEU B 152 19.17 -11.28 -16.40
CA LEU B 152 19.94 -10.54 -15.39
C LEU B 152 19.84 -9.02 -15.53
N PRO B 153 19.67 -8.27 -14.43
CA PRO B 153 19.66 -6.82 -14.53
C PRO B 153 21.09 -6.29 -14.34
N ALA B 154 21.36 -5.04 -14.65
CA ALA B 154 22.67 -4.45 -14.38
C ALA B 154 22.94 -4.51 -12.86
N GLY B 155 24.20 -4.69 -12.48
CA GLY B 155 24.61 -4.52 -11.07
C GLY B 155 24.16 -5.63 -10.09
N HIS B 156 23.73 -6.80 -10.61
CA HIS B 156 23.20 -7.84 -9.71
C HIS B 156 24.41 -8.46 -8.94
N GLY B 157 24.10 -9.17 -7.85
CA GLY B 157 25.13 -9.82 -7.00
C GLY B 157 25.67 -11.18 -7.46
N GLY B 158 25.14 -11.78 -8.53
CA GLY B 158 25.64 -13.04 -9.08
C GLY B 158 27.09 -12.89 -9.51
N ARG B 159 27.91 -13.89 -9.21
CA ARG B 159 29.35 -13.93 -9.63
C ARG B 159 29.74 -15.33 -10.10
N LEU B 160 30.48 -15.40 -11.21
CA LEU B 160 31.18 -16.60 -11.64
C LEU B 160 32.18 -17.03 -10.57
N LEU B 161 32.19 -18.25 -10.16
CA LEU B 161 33.15 -18.66 -9.19
C LEU B 161 34.51 -18.68 -9.84
N GLY B 162 34.60 -19.35 -10.93
CA GLY B 162 35.69 -19.22 -11.79
C GLY B 162 37.01 -19.39 -11.13
N ASP B 163 37.94 -18.41 -11.28
CA ASP B 163 39.30 -18.61 -10.86
C ASP B 163 39.40 -18.78 -9.38
N ALA B 164 38.29 -18.53 -8.74
CA ALA B 164 38.24 -18.72 -7.34
C ALA B 164 38.08 -20.18 -6.98
N ALA B 165 37.59 -21.01 -7.90
CA ALA B 165 37.33 -22.42 -7.61
C ALA B 165 37.53 -23.24 -8.87
N HIS B 166 38.65 -23.00 -9.54
CA HIS B 166 38.98 -23.66 -10.80
C HIS B 166 38.95 -25.19 -10.78
N PHE B 167 38.93 -25.77 -9.57
CA PHE B 167 38.90 -27.22 -9.39
C PHE B 167 37.52 -27.74 -9.77
N LYS B 168 36.63 -26.81 -9.99
CA LYS B 168 35.29 -27.12 -10.40
C LYS B 168 35.29 -27.47 -11.89
N GLY B 169 34.69 -28.60 -12.19
CA GLY B 169 34.53 -29.05 -13.54
C GLY B 169 33.59 -28.22 -14.39
N GLU B 170 32.76 -27.42 -13.77
CA GLU B 170 31.70 -26.69 -14.52
C GLU B 170 31.58 -25.23 -14.09
N ALA B 171 31.26 -24.34 -15.01
CA ALA B 171 31.13 -22.94 -14.72
C ALA B 171 29.86 -22.77 -13.85
N GLU B 172 29.91 -21.84 -12.91
CA GLU B 172 28.79 -21.60 -12.01
C GLU B 172 28.73 -20.12 -11.67
N MET B 173 27.53 -19.53 -11.83
CA MET B 173 27.32 -18.24 -11.25
C MET B 173 26.47 -18.40 -9.99
N LEU B 174 27.02 -17.90 -8.86
CA LEU B 174 26.41 -18.14 -7.56
C LEU B 174 25.83 -16.79 -7.08
N PHE B 175 24.64 -16.79 -6.48
CA PHE B 175 23.99 -15.54 -6.02
C PHE B 175 23.93 -15.49 -4.51
N PRO B 176 23.99 -14.31 -3.93
CA PRO B 176 23.85 -14.29 -2.48
C PRO B 176 22.44 -14.74 -2.03
N THR B 177 22.31 -14.95 -0.71
CA THR B 177 21.02 -15.49 -0.20
C THR B 177 19.87 -14.49 -0.41
N GLN B 178 18.65 -15.00 -0.39
CA GLN B 178 17.46 -14.13 -0.49
C GLN B 178 17.39 -13.45 -1.87
N THR B 179 17.97 -14.08 -2.89
CA THR B 179 17.82 -13.52 -4.26
C THR B 179 16.35 -13.79 -4.67
N ARG B 180 15.76 -12.81 -5.35
CA ARG B 180 14.38 -12.92 -5.80
C ARG B 180 14.25 -13.04 -7.31
N LEU B 181 13.37 -13.92 -7.77
CA LEU B 181 13.10 -14.12 -9.21
C LEU B 181 11.67 -13.77 -9.51
N ARG B 182 11.47 -12.90 -10.48
CA ARG B 182 10.09 -12.64 -10.89
C ARG B 182 9.78 -13.51 -12.10
N VAL B 183 8.64 -14.19 -12.07
CA VAL B 183 8.20 -15.00 -13.19
C VAL B 183 7.67 -14.13 -14.34
N ASP B 184 8.33 -14.21 -15.48
CA ASP B 184 7.99 -13.42 -16.66
C ASP B 184 7.08 -14.23 -17.60
N ARG B 185 7.39 -15.49 -17.88
CA ARG B 185 6.44 -16.25 -18.70
C ARG B 185 6.68 -17.76 -18.56
N VAL B 186 5.61 -18.52 -18.74
CA VAL B 186 5.63 -19.96 -18.56
C VAL B 186 5.21 -20.60 -19.91
N VAL B 187 6.06 -21.44 -20.47
CA VAL B 187 5.79 -22.03 -21.78
C VAL B 187 5.86 -23.56 -21.59
N SER B 188 4.72 -24.22 -21.54
CA SER B 188 4.70 -25.67 -21.36
C SER B 188 5.09 -26.36 -22.67
N SER B 189 5.48 -27.62 -22.55
CA SER B 189 5.89 -28.44 -23.69
C SER B 189 4.80 -28.60 -24.77
N THR B 190 3.59 -28.20 -24.47
CA THR B 190 2.50 -28.26 -25.42
C THR B 190 2.20 -26.94 -26.05
N SER B 191 2.94 -25.92 -25.69
CA SER B 191 2.73 -24.59 -26.25
C SER B 191 3.40 -24.45 -27.61
N GLY B 192 2.84 -23.59 -28.45
CA GLY B 192 3.41 -23.31 -29.76
C GLY B 192 4.74 -22.56 -29.69
N ASP B 193 5.01 -21.93 -28.55
CA ASP B 193 6.24 -21.16 -28.38
C ASP B 193 7.33 -22.01 -27.76
N PHE B 194 7.00 -23.24 -27.43
CA PHE B 194 7.91 -24.09 -26.70
C PHE B 194 9.21 -24.26 -27.47
N ASP B 195 9.15 -24.74 -28.72
CA ASP B 195 10.39 -25.07 -29.44
C ASP B 195 11.25 -23.85 -29.70
N THR B 196 10.62 -22.73 -30.02
CA THR B 196 11.36 -21.50 -30.26
C THR B 196 12.13 -21.08 -28.98
N LEU B 197 11.47 -21.10 -27.83
CA LEU B 197 12.20 -20.70 -26.61
C LEU B 197 13.29 -21.78 -26.27
N LEU B 198 12.96 -23.06 -26.44
CA LEU B 198 13.95 -24.09 -26.09
C LEU B 198 15.25 -23.98 -26.86
N ASN B 199 15.10 -23.56 -28.12
CA ASN B 199 16.21 -23.41 -29.03
C ASN B 199 17.17 -22.34 -28.53
N THR B 200 16.68 -21.45 -27.67
CA THR B 200 17.60 -20.42 -27.14
C THR B 200 18.14 -20.81 -25.72
N ILE B 201 17.88 -22.04 -25.28
CA ILE B 201 18.39 -22.49 -23.97
C ILE B 201 19.34 -23.67 -24.16
N PRO B 202 20.66 -23.46 -24.04
CA PRO B 202 21.51 -24.64 -24.23
C PRO B 202 21.25 -25.64 -23.10
N THR B 203 21.27 -26.92 -23.44
CA THR B 203 21.04 -27.96 -22.43
C THR B 203 22.16 -29.01 -22.39
N SER B 204 22.29 -29.67 -21.26
CA SER B 204 23.31 -30.70 -21.09
C SER B 204 23.31 -31.69 -22.24
N ARG B 211 14.84 -36.13 -22.83
CA ARG B 211 14.63 -34.77 -23.25
C ARG B 211 13.20 -34.48 -23.66
N ASN B 212 12.37 -35.51 -23.54
CA ASN B 212 10.93 -35.38 -23.52
C ASN B 212 10.55 -35.29 -22.04
N ARG B 213 11.59 -35.31 -21.21
CA ARG B 213 11.46 -35.05 -19.78
C ARG B 213 11.12 -33.59 -19.54
N ILE B 214 11.41 -32.72 -20.50
CA ILE B 214 11.07 -31.31 -20.31
C ILE B 214 9.57 -31.06 -20.34
N LYS B 215 9.01 -30.56 -19.24
CA LYS B 215 7.60 -30.25 -19.23
C LYS B 215 7.31 -28.76 -19.42
N ARG B 216 8.25 -27.90 -19.06
CA ARG B 216 8.00 -26.44 -19.18
C ARG B 216 9.30 -25.64 -19.17
N LEU B 217 9.29 -24.51 -19.83
CA LEU B 217 10.39 -23.53 -19.75
C LEU B 217 9.81 -22.33 -19.02
N ILE B 218 10.54 -21.78 -18.06
CA ILE B 218 10.03 -20.60 -17.38
C ILE B 218 11.06 -19.49 -17.53
N GLU B 219 10.65 -18.35 -18.06
CA GLU B 219 11.56 -17.21 -18.09
C GLU B 219 11.28 -16.43 -16.79
N VAL B 220 12.36 -16.03 -16.10
CA VAL B 220 12.29 -15.26 -14.87
C VAL B 220 13.37 -14.16 -14.94
N SER B 221 13.26 -13.15 -14.10
CA SER B 221 14.22 -12.10 -14.05
C SER B 221 14.68 -11.99 -12.59
N VAL B 222 15.96 -11.93 -12.39
CA VAL B 222 16.53 -11.58 -11.11
C VAL B 222 16.18 -10.16 -10.74
N LEU B 223 15.65 -9.95 -9.56
CA LEU B 223 15.31 -8.56 -9.21
C LEU B 223 16.45 -7.83 -8.52
N SER C 25 -30.87 -7.67 12.02
CA SER C 25 -31.35 -7.39 13.36
C SER C 25 -32.65 -6.60 13.29
N LYS C 26 -33.22 -6.32 14.46
CA LYS C 26 -34.42 -5.53 14.52
C LYS C 26 -34.12 -4.14 13.99
N ALA C 27 -32.98 -3.60 14.38
CA ALA C 27 -32.56 -2.28 13.91
C ALA C 27 -32.64 -2.20 12.39
N ASP C 28 -32.06 -3.19 11.71
CA ASP C 28 -32.04 -3.22 10.25
C ASP C 28 -33.44 -3.34 9.64
N GLU C 29 -34.34 -4.01 10.35
CA GLU C 29 -35.70 -4.23 9.86
C GLU C 29 -36.56 -2.98 9.99
N ALA C 30 -36.32 -2.22 11.06
CA ALA C 30 -37.06 -0.99 11.28
C ALA C 30 -36.76 0.00 10.16
N LEU C 31 -35.50 0.11 9.76
CA LEU C 31 -35.11 1.00 8.69
C LEU C 31 -35.74 0.60 7.36
N ARG C 32 -35.87 -0.70 7.13
CA ARG C 32 -36.43 -1.22 5.90
C ARG C 32 -37.95 -1.01 5.86
N TYR C 33 -38.60 -1.07 7.01
CA TYR C 33 -40.05 -0.84 7.07
C TYR C 33 -40.35 0.64 6.97
N TYR C 34 -39.45 1.44 7.53
CA TYR C 34 -39.56 2.88 7.50
C TYR C 34 -39.55 3.37 6.04
N SER C 35 -38.50 3.00 5.30
CA SER C 35 -38.30 3.52 3.94
C SER C 35 -39.24 2.94 2.89
N ALA C 36 -40.22 2.14 3.31
CA ALA C 36 -41.15 1.53 2.37
C ALA C 36 -42.59 1.86 2.71
N GLN C 37 -42.87 2.16 3.98
CA GLN C 37 -44.25 2.33 4.42
C GLN C 37 -44.41 3.27 5.61
N GLY C 38 -43.36 3.43 6.41
CA GLY C 38 -43.50 4.03 7.72
C GLY C 38 -43.17 5.50 7.86
N TYR C 39 -42.52 6.09 6.85
CA TYR C 39 -41.94 7.43 7.01
C TYR C 39 -42.97 8.57 7.09
N THR C 40 -44.16 8.39 6.52
CA THR C 40 -45.16 9.45 6.54
C THR C 40 -45.83 9.58 7.92
N LEU C 41 -46.10 8.47 8.60
CA LEU C 41 -46.60 8.53 9.97
C LEU C 41 -45.58 9.17 10.85
N LEU C 42 -44.41 8.56 10.96
CA LEU C 42 -43.40 9.09 11.87
C LEU C 42 -43.07 10.56 11.63
N ASN C 43 -42.91 10.93 10.39
CA ASN C 43 -42.52 12.31 10.13
C ASN C 43 -43.63 13.30 10.46
N ASN C 44 -44.85 12.82 10.40
CA ASN C 44 -45.95 13.63 10.86
C ASN C 44 -45.99 13.62 12.38
N TYR C 45 -45.70 12.46 12.97
CA TYR C 45 -45.66 12.35 14.42
C TYR C 45 -44.55 13.19 15.03
N LEU C 46 -43.55 13.54 14.23
CA LEU C 46 -42.40 14.29 14.73
C LEU C 46 -42.44 15.77 14.41
N ARG C 47 -42.92 16.09 13.20
CA ARG C 47 -43.21 17.46 12.86
C ARG C 47 -44.44 17.89 13.64
N ASP C 48 -44.94 16.99 14.50
CA ASP C 48 -46.13 17.29 15.27
C ASP C 48 -47.26 17.81 14.39
N ARG C 49 -47.72 17.02 13.44
CA ARG C 49 -48.82 17.44 12.57
C ARG C 49 -49.90 16.36 12.48
N PRO C 50 -51.08 16.71 11.97
CA PRO C 50 -52.14 15.72 11.88
C PRO C 50 -51.67 14.37 11.32
N TYR C 51 -52.08 13.31 12.02
CA TYR C 51 -51.80 11.93 11.63
C TYR C 51 -52.78 10.96 12.29
N LYS C 52 -53.09 9.88 11.60
CA LYS C 52 -54.02 8.90 12.16
C LYS C 52 -53.41 8.51 13.52
N GLN C 53 -54.10 8.86 14.59
CA GLN C 53 -53.70 8.46 15.95
C GLN C 53 -53.73 6.94 16.09
N ARG C 54 -54.73 6.31 15.47
CA ARG C 54 -54.89 4.86 15.53
C ARG C 54 -53.77 4.10 14.81
N GLU C 55 -53.34 4.60 13.66
CA GLU C 55 -52.39 3.88 12.81
C GLU C 55 -50.94 3.86 13.35
N ALA C 56 -50.58 4.83 14.19
CA ALA C 56 -49.28 4.84 14.87
C ALA C 56 -49.29 3.82 16.02
N ILE C 57 -50.49 3.38 16.39
CA ILE C 57 -50.63 2.34 17.41
C ILE C 57 -50.64 0.95 16.80
N ASP C 58 -51.30 0.78 15.65
CA ASP C 58 -51.23 -0.48 14.90
C ASP C 58 -49.78 -0.82 14.56
N THR C 59 -49.00 0.20 14.25
CA THR C 59 -47.60 0.01 13.90
C THR C 59 -46.79 -0.44 15.11
N LEU C 60 -46.96 0.28 16.23
CA LEU C 60 -46.27 -0.04 17.48
C LEU C 60 -46.57 -1.49 17.92
N LEU C 61 -47.85 -1.86 17.83
CA LEU C 61 -48.33 -3.20 18.21
C LEU C 61 -47.75 -4.32 17.34
N SER C 62 -47.77 -4.13 16.02
CA SER C 62 -47.33 -5.16 15.08
C SER C 62 -45.80 -5.36 15.03
N ARG C 63 -45.04 -4.39 15.54
CA ARG C 63 -43.57 -4.45 15.48
C ARG C 63 -42.94 -4.73 16.85
N SER C 64 -43.77 -5.10 17.81
CA SER C 64 -43.28 -5.49 19.13
C SER C 64 -42.90 -4.33 20.04
N TYR C 65 -43.26 -3.11 19.66
CA TYR C 65 -42.98 -1.93 20.50
C TYR C 65 -44.03 -1.76 21.61
N LEU C 66 -45.22 -2.31 21.43
CA LEU C 66 -46.24 -2.33 22.47
C LEU C 66 -46.90 -3.72 22.54
N ASN C 67 -47.30 -4.14 23.73
CA ASN C 67 -48.07 -5.36 23.86
C ASN C 67 -49.53 -5.02 24.18
N ASP C 68 -49.73 -3.95 24.93
CA ASP C 68 -51.08 -3.63 25.42
C ASP C 68 -51.47 -2.19 25.16
N GLU C 69 -52.33 -2.01 24.18
CA GLU C 69 -52.87 -0.72 23.88
C GLU C 69 -52.85 0.13 25.15
N ALA C 82 -39.01 5.01 20.97
CA ALA C 82 -38.39 3.71 20.78
C ALA C 82 -38.40 3.31 19.31
N TYR C 83 -39.50 3.60 18.62
CA TYR C 83 -39.64 3.26 17.21
C TYR C 83 -38.59 4.03 16.41
N VAL C 84 -38.55 5.33 16.64
CA VAL C 84 -37.55 6.15 16.03
C VAL C 84 -36.20 5.51 16.32
N ALA C 85 -35.81 5.43 17.58
CA ALA C 85 -34.50 4.90 17.90
C ALA C 85 -34.04 3.77 17.03
N ASP C 86 -34.85 2.76 16.82
CA ASP C 86 -34.44 1.61 16.01
C ASP C 86 -34.20 1.95 14.53
N VAL C 87 -35.03 2.85 13.96
CA VAL C 87 -34.82 3.35 12.59
C VAL C 87 -33.48 4.11 12.50
N GLU C 88 -33.19 4.94 13.49
CA GLU C 88 -31.93 5.63 13.55
C GLU C 88 -30.74 4.67 13.63
N ALA C 89 -30.88 3.59 14.37
CA ALA C 89 -29.81 2.59 14.52
C ALA C 89 -29.62 1.79 13.23
N GLY C 90 -30.73 1.47 12.57
CA GLY C 90 -30.68 0.85 11.26
C GLY C 90 -29.96 1.76 10.27
N LEU C 91 -30.29 3.06 10.31
CA LEU C 91 -29.73 4.07 9.42
C LEU C 91 -28.25 4.26 9.69
N ALA C 92 -27.88 4.29 10.98
CA ALA C 92 -26.48 4.50 11.37
C ALA C 92 -25.58 3.38 10.86
N LYS C 93 -26.09 2.14 10.87
CA LYS C 93 -25.27 0.98 10.48
C LYS C 93 -25.24 0.73 8.96
N LEU C 94 -25.65 1.71 8.18
CA LEU C 94 -25.47 1.65 6.74
C LEU C 94 -24.08 2.14 6.37
N PRO C 95 -23.57 1.79 5.18
CA PRO C 95 -22.23 2.26 4.79
C PRO C 95 -22.16 3.79 4.68
N ALA C 96 -21.17 4.41 5.33
CA ALA C 96 -21.00 5.87 5.26
C ALA C 96 -20.58 6.32 3.86
N SER C 97 -20.70 7.62 3.59
CA SER C 97 -20.29 8.20 2.31
C SER C 97 -19.31 9.36 2.59
N PRO C 98 -18.09 9.02 3.04
CA PRO C 98 -17.08 9.98 3.51
C PRO C 98 -16.64 10.96 2.41
N GLU C 99 -16.77 10.52 1.16
CA GLU C 99 -16.37 11.32 0.00
C GLU C 99 -17.18 12.63 -0.10
N LEU C 100 -18.45 12.60 0.34
CA LEU C 100 -19.33 13.75 0.17
C LEU C 100 -18.96 14.90 1.12
N SER C 101 -18.65 16.05 0.52
CA SER C 101 -18.34 17.28 1.24
C SER C 101 -19.56 18.20 1.41
N PHE C 102 -20.46 18.16 0.42
CA PHE C 102 -21.70 18.96 0.41
C PHE C 102 -22.84 18.08 -0.09
N VAL C 103 -24.03 18.31 0.45
CA VAL C 103 -25.26 17.78 -0.13
C VAL C 103 -26.19 18.99 -0.23
N TYR C 104 -27.36 18.82 -0.82
CA TYR C 104 -28.14 19.98 -1.25
C TYR C 104 -29.61 19.79 -0.91
N ARG C 105 -30.36 20.89 -0.89
CA ARG C 105 -31.78 20.81 -0.55
C ARG C 105 -32.45 22.04 -1.13
N GLY C 106 -33.54 21.83 -1.84
CA GLY C 106 -34.37 22.93 -2.30
C GLY C 106 -35.58 22.95 -1.38
N LEU C 107 -35.82 24.13 -0.85
CA LEU C 107 -36.76 24.35 0.23
C LEU C 107 -37.70 25.51 -0.06
N ALA C 108 -39.01 25.35 0.14
CA ALA C 108 -39.96 26.44 -0.10
C ALA C 108 -39.44 27.77 0.39
N PHE C 121 -33.75 30.97 9.22
CA PHE C 121 -32.71 30.53 8.29
C PHE C 121 -31.74 31.66 7.85
N THR C 122 -32.18 32.92 7.91
CA THR C 122 -31.40 34.04 7.38
C THR C 122 -30.60 34.74 8.46
N GLY C 123 -30.71 34.21 9.69
CA GLY C 123 -29.98 34.77 10.80
C GLY C 123 -28.67 34.01 10.86
N VAL C 124 -27.60 34.64 10.39
CA VAL C 124 -26.29 34.02 10.46
C VAL C 124 -25.99 33.74 11.93
N GLY C 125 -25.62 32.51 12.24
CA GLY C 125 -25.44 32.08 13.61
C GLY C 125 -26.60 31.24 14.13
N ASN C 126 -27.79 31.43 13.57
CA ASN C 126 -28.96 30.65 13.98
C ASN C 126 -28.76 29.15 13.79
N ILE C 127 -29.33 28.35 14.69
CA ILE C 127 -29.21 26.90 14.61
C ILE C 127 -30.61 26.34 14.36
N VAL C 128 -30.94 26.17 13.08
CA VAL C 128 -32.24 25.63 12.68
C VAL C 128 -32.27 24.13 12.89
N VAL C 129 -33.28 23.64 13.59
CA VAL C 129 -33.37 22.22 13.95
C VAL C 129 -34.52 21.51 13.25
N GLU C 130 -34.33 20.24 12.92
CA GLU C 130 -35.33 19.44 12.24
C GLU C 130 -35.63 18.21 13.10
N PRO C 131 -36.90 18.05 13.54
CA PRO C 131 -37.36 17.00 14.46
C PRO C 131 -37.59 15.68 13.75
N GLY C 132 -37.94 15.77 12.46
CA GLY C 132 -38.06 14.59 11.62
C GLY C 132 -36.73 14.29 10.95
N PHE C 133 -36.75 13.31 10.06
CA PHE C 133 -35.55 12.89 9.32
C PHE C 133 -35.29 13.82 8.13
N MET C 134 -34.27 14.68 8.27
CA MET C 134 -33.93 15.61 7.20
C MET C 134 -33.38 14.86 6.01
N SER C 135 -34.10 14.95 4.90
CA SER C 135 -33.70 14.37 3.64
C SER C 135 -32.94 15.42 2.83
N THR C 136 -31.91 14.98 2.09
CA THR C 136 -31.14 15.85 1.21
C THR C 136 -30.79 15.10 -0.08
N SER C 137 -30.17 15.78 -1.03
CA SER C 137 -29.61 15.13 -2.23
C SER C 137 -28.10 15.45 -2.45
N PRO C 138 -27.28 14.42 -2.76
CA PRO C 138 -25.90 14.68 -3.16
C PRO C 138 -25.77 15.14 -4.62
N ASP C 139 -26.82 14.94 -5.42
CA ASP C 139 -26.80 15.15 -6.87
C ASP C 139 -27.26 16.55 -7.27
N LYS C 140 -28.44 16.96 -6.78
CA LYS C 140 -29.00 18.27 -7.15
C LYS C 140 -30.05 18.80 -6.17
N ALA C 141 -30.22 20.11 -6.22
CA ALA C 141 -31.22 20.81 -5.45
C ALA C 141 -32.32 21.20 -6.40
N TRP C 142 -33.57 21.01 -5.99
CA TRP C 142 -34.67 21.32 -6.89
C TRP C 142 -35.09 22.79 -6.81
N VAL C 143 -35.22 23.43 -7.97
CA VAL C 143 -35.48 24.86 -8.05
C VAL C 143 -36.59 25.32 -7.08
N ASN C 144 -36.29 26.36 -6.31
CA ASN C 144 -37.22 26.95 -5.36
C ASN C 144 -36.68 28.29 -4.88
N ASP C 145 -37.41 28.98 -4.04
CA ASP C 145 -36.95 30.26 -3.56
C ASP C 145 -35.73 30.18 -2.69
N THR C 146 -35.53 29.06 -2.00
CA THR C 146 -34.42 28.93 -1.09
C THR C 146 -33.66 27.65 -1.31
N LEU C 147 -32.41 27.76 -1.77
CA LEU C 147 -31.53 26.61 -1.98
C LEU C 147 -30.46 26.47 -0.91
N LEU C 148 -30.40 25.32 -0.27
CA LEU C 148 -29.39 25.07 0.74
C LEU C 148 -28.17 24.39 0.15
N LYS C 149 -27.01 24.84 0.59
CA LYS C 149 -25.74 24.19 0.31
C LYS C 149 -25.14 23.75 1.65
N ILE C 150 -25.29 22.49 1.93
CA ILE C 150 -25.02 21.93 3.23
C ILE C 150 -23.60 21.35 3.42
N ARG C 151 -22.80 22.00 4.26
CA ARG C 151 -21.44 21.54 4.55
C ARG C 151 -21.45 20.39 5.56
N LEU C 152 -20.72 19.32 5.26
CA LEU C 152 -20.72 18.13 6.10
C LEU C 152 -19.41 17.97 6.89
N PRO C 153 -19.54 17.80 8.22
CA PRO C 153 -18.41 17.49 9.12
C PRO C 153 -18.10 16.01 9.06
N ALA C 154 -16.85 15.61 9.35
CA ALA C 154 -16.46 14.19 9.33
C ALA C 154 -17.26 13.36 10.34
N GLY C 155 -17.66 12.17 9.92
CA GLY C 155 -18.48 11.31 10.77
C GLY C 155 -19.78 11.96 11.19
N HIS C 156 -20.60 12.36 10.22
CA HIS C 156 -21.97 12.82 10.46
C HIS C 156 -22.91 11.60 10.27
N GLY C 157 -24.19 11.74 10.60
CA GLY C 157 -25.10 10.60 10.62
C GLY C 157 -25.87 10.34 9.32
N GLY C 158 -25.67 11.22 8.35
CA GLY C 158 -26.35 11.12 7.06
C GLY C 158 -25.92 9.93 6.23
N ARG C 159 -26.87 9.30 5.52
CA ARG C 159 -26.59 8.04 4.84
C ARG C 159 -27.35 7.91 3.53
N LEU C 160 -26.64 7.51 2.48
CA LEU C 160 -27.28 7.21 1.21
C LEU C 160 -28.21 5.99 1.36
N LEU C 161 -29.38 6.07 0.73
CA LEU C 161 -30.35 4.98 0.70
C LEU C 161 -30.39 4.35 -0.70
N GLU C 170 -33.75 8.77 -7.86
CA GLU C 170 -32.67 9.70 -7.58
C GLU C 170 -32.06 9.47 -6.19
N ALA C 171 -30.83 9.93 -6.02
CA ALA C 171 -30.07 9.67 -4.79
C ALA C 171 -30.55 10.51 -3.60
N GLU C 172 -30.72 9.84 -2.46
CA GLU C 172 -31.11 10.52 -1.22
C GLU C 172 -30.16 10.19 -0.05
N MET C 173 -29.65 11.23 0.62
CA MET C 173 -28.94 11.06 1.89
C MET C 173 -29.93 11.42 3.00
N LEU C 174 -30.30 10.42 3.80
CA LEU C 174 -31.17 10.64 4.95
C LEU C 174 -30.35 10.79 6.23
N PHE C 175 -30.59 11.87 6.94
CA PHE C 175 -29.98 12.10 8.25
C PHE C 175 -30.92 11.64 9.37
N PRO C 176 -30.34 11.30 10.54
CA PRO C 176 -31.17 10.93 11.69
C PRO C 176 -31.92 12.16 12.22
N THR C 177 -32.94 11.96 13.06
CA THR C 177 -33.74 13.08 13.55
C THR C 177 -32.93 13.93 14.45
N GLN C 178 -33.32 15.20 14.54
CA GLN C 178 -32.66 16.13 15.46
C GLN C 178 -31.39 16.72 14.86
N THR C 179 -31.32 16.74 13.52
CA THR C 179 -30.18 17.34 12.82
C THR C 179 -30.19 18.85 12.93
N ARG C 180 -29.05 19.40 13.35
CA ARG C 180 -28.90 20.84 13.49
C ARG C 180 -28.11 21.42 12.30
N LEU C 181 -28.62 22.52 11.77
CA LEU C 181 -27.93 23.28 10.74
C LEU C 181 -27.60 24.65 11.30
N ARG C 182 -26.35 25.04 11.23
CA ARG C 182 -26.01 26.40 11.55
C ARG C 182 -26.06 27.15 10.27
N VAL C 183 -26.54 28.38 10.32
CA VAL C 183 -26.57 29.29 9.18
C VAL C 183 -25.19 29.95 9.09
N ASP C 184 -24.43 29.60 8.07
CA ASP C 184 -23.07 30.11 7.90
C ASP C 184 -23.05 31.40 7.08
N ARG C 185 -23.94 31.49 6.08
CA ARG C 185 -24.00 32.62 5.16
C ARG C 185 -25.31 32.67 4.39
N VAL C 186 -25.81 33.86 4.15
CA VAL C 186 -27.01 34.05 3.33
C VAL C 186 -26.66 34.91 2.14
N VAL C 187 -26.94 34.42 0.92
CA VAL C 187 -26.63 35.16 -0.31
C VAL C 187 -27.87 35.33 -1.18
N SER C 188 -28.54 36.49 -1.06
CA SER C 188 -29.79 36.71 -1.78
C SER C 188 -29.53 36.94 -3.28
N SER C 189 -30.59 36.88 -4.07
CA SER C 189 -30.48 36.90 -5.53
C SER C 189 -30.03 38.25 -6.09
N THR C 190 -29.78 39.20 -5.21
CA THR C 190 -29.35 40.48 -5.70
C THR C 190 -27.91 40.75 -5.34
N SER C 191 -27.35 39.90 -4.49
CA SER C 191 -25.96 40.03 -4.08
C SER C 191 -25.03 39.75 -5.25
N GLY C 192 -23.79 40.23 -5.15
CA GLY C 192 -22.84 40.08 -6.23
C GLY C 192 -22.36 38.65 -6.38
N ASP C 193 -22.20 37.94 -5.28
CA ASP C 193 -21.64 36.62 -5.36
C ASP C 193 -22.69 35.52 -5.56
N PHE C 194 -23.85 35.87 -6.11
CA PHE C 194 -24.98 34.94 -6.25
C PHE C 194 -24.85 33.97 -7.42
N ASP C 195 -24.44 34.48 -8.57
CA ASP C 195 -24.28 33.63 -9.74
C ASP C 195 -23.03 32.74 -9.63
N THR C 196 -22.08 33.14 -8.78
CA THR C 196 -20.87 32.36 -8.56
C THR C 196 -21.13 31.19 -7.62
N LEU C 197 -21.91 31.44 -6.58
CA LEU C 197 -22.28 30.41 -5.60
C LEU C 197 -23.33 29.45 -6.19
N LEU C 198 -24.18 29.97 -7.07
CA LEU C 198 -25.21 29.16 -7.69
C LEU C 198 -24.60 28.19 -8.72
N ASN C 199 -23.51 28.61 -9.34
CA ASN C 199 -22.79 27.76 -10.28
C ASN C 199 -22.23 26.51 -9.62
N THR C 200 -21.86 26.61 -8.35
CA THR C 200 -21.32 25.48 -7.61
C THR C 200 -22.41 24.53 -7.11
N ILE C 201 -23.67 24.96 -7.19
CA ILE C 201 -24.82 24.17 -6.72
C ILE C 201 -25.63 23.54 -7.87
N PRO C 202 -25.59 22.20 -7.97
CA PRO C 202 -26.32 21.53 -9.07
C PRO C 202 -27.83 21.65 -8.89
N THR C 203 -28.56 21.95 -9.97
CA THR C 203 -30.00 22.15 -9.88
C THR C 203 -30.77 21.33 -10.93
N ARG C 213 -36.64 33.34 -10.12
CA ARG C 213 -37.38 32.26 -9.45
C ARG C 213 -36.77 31.93 -8.10
N ILE C 214 -35.55 31.42 -8.09
CA ILE C 214 -34.81 31.18 -6.87
C ILE C 214 -34.49 32.47 -6.20
N LYS C 215 -34.77 32.56 -4.91
CA LYS C 215 -34.68 33.83 -4.19
C LYS C 215 -33.36 34.02 -3.45
N ARG C 216 -32.99 33.04 -2.65
CA ARG C 216 -31.80 33.13 -1.83
C ARG C 216 -31.03 31.82 -1.87
N LEU C 217 -29.73 31.89 -1.59
CA LEU C 217 -28.86 30.73 -1.43
C LEU C 217 -28.37 30.75 0.01
N ILE C 218 -28.48 29.64 0.72
CA ILE C 218 -28.02 29.58 2.09
C ILE C 218 -26.96 28.52 2.31
N GLU C 219 -25.77 28.93 2.69
CA GLU C 219 -24.74 27.98 3.09
C GLU C 219 -24.91 27.65 4.56
N VAL C 220 -25.13 26.36 4.86
CA VAL C 220 -25.31 25.90 6.24
C VAL C 220 -24.28 24.81 6.55
N SER C 221 -24.04 24.55 7.83
CA SER C 221 -23.25 23.37 8.25
C SER C 221 -24.12 22.46 9.10
N VAL C 222 -23.99 21.16 8.87
CA VAL C 222 -24.53 20.15 9.77
C VAL C 222 -23.63 20.12 11.00
N LEU C 223 -24.22 20.26 12.18
CA LEU C 223 -23.48 20.27 13.45
C LEU C 223 -23.36 18.88 14.07
#